data_3W0G
#
_entry.id   3W0G
#
_cell.length_a   154.303
_cell.length_b   41.975
_cell.length_c   42.050
_cell.angle_alpha   90.00
_cell.angle_beta   94.86
_cell.angle_gamma   90.00
#
_symmetry.space_group_name_H-M   'C 1 2 1'
#
loop_
_entity.id
_entity.type
_entity.pdbx_description
1 polymer 'Vitamin D3 receptor'
2 polymer 'Mediator of RNA polymerase II transcription subunit 1'
3 non-polymer (2S)-3-{4-[2-(4-{[(2R)-2-hydroxy-3,3-dimethylbutyl]oxy}phenyl)propan-2-yl]phenoxy}propane-1,2-diol
4 water water
#
loop_
_entity_poly.entity_id
_entity_poly.type
_entity_poly.pdbx_seq_one_letter_code
_entity_poly.pdbx_strand_id
1 'polypeptide(L)'
;RPKLSEEQQHIIAILLDAHHKTYDPTYADFRDFRPPVRMDGSTGSVTLDLSPLSMLPHLADLVSYSIQKVIGFAKMIPGF
RDLTSDDQIVLLKSSAIEVIMLRSNQSFTMDDMSWDCGSQDYKYDVTDVSKAGHTLELIEPLIKFQVGLKKLNLHEEEHV
LLMAICIVSPDRPGVQDAKLVEAIQDRLSNTLQTYIRCRHPPPGSHQLYAKMIQKLADLRSLNEEHSKQYRSLSFQPENS
MKLTPLVLEVFGN
;
A
2 'polypeptide(L)' KNHPMLMNLLKDN C
#
loop_
_chem_comp.id
_chem_comp.type
_chem_comp.name
_chem_comp.formula
W07 non-polymer (2S)-3-{4-[2-(4-{[(2R)-2-hydroxy-3,3-dimethylbutyl]oxy}phenyl)propan-2-yl]phenoxy}propane-1,2-diol 'C24 H34 O5'
#
# COMPACT_ATOMS: atom_id res chain seq x y z
N ARG A 1 18.49 26.75 -6.53
CA ARG A 1 19.58 25.77 -6.28
C ARG A 1 19.13 24.72 -5.25
N PRO A 2 18.57 23.59 -5.72
CA PRO A 2 18.04 22.56 -4.82
C PRO A 2 19.14 21.72 -4.16
N LYS A 3 19.06 21.58 -2.84
CA LYS A 3 19.99 20.72 -2.11
C LYS A 3 19.26 19.94 -1.02
N LEU A 4 19.61 18.67 -0.87
CA LEU A 4 19.03 17.82 0.16
C LEU A 4 19.54 18.21 1.54
N SER A 5 18.69 18.86 2.34
CA SER A 5 19.04 19.22 3.71
C SER A 5 19.28 17.96 4.55
N GLU A 6 19.92 18.15 5.70
CA GLU A 6 20.19 17.05 6.64
C GLU A 6 18.89 16.39 7.09
N GLU A 7 17.89 17.21 7.39
CA GLU A 7 16.56 16.77 7.78
C GLU A 7 15.95 15.87 6.70
N GLN A 8 16.00 16.33 5.45
CA GLN A 8 15.52 15.55 4.31
C GLN A 8 16.23 14.20 4.15
N GLN A 9 17.55 14.19 4.30
CA GLN A 9 18.34 12.96 4.34
C GLN A 9 17.96 12.07 5.52
N HIS A 10 17.59 12.71 6.63
CA HIS A 10 17.17 11.98 7.82
C HIS A 10 15.84 11.28 7.57
N ILE A 11 14.92 11.99 6.90
CA ILE A 11 13.61 11.45 6.54
C ILE A 11 13.72 10.20 5.67
N ILE A 12 14.57 10.28 4.64
CA ILE A 12 14.83 9.17 3.74
C ILE A 12 15.45 7.95 4.44
N ALA A 13 16.48 8.16 5.28
CA ALA A 13 17.05 7.07 6.11
C ALA A 13 16.02 6.35 7.00
N ILE A 14 15.14 7.13 7.63
CA ILE A 14 14.08 6.57 8.49
C ILE A 14 13.02 5.78 7.70
N LEU A 15 12.58 6.34 6.57
CA LEU A 15 11.56 5.65 5.75
C LEU A 15 12.16 4.37 5.14
N LEU A 16 13.42 4.45 4.75
CA LEU A 16 14.08 3.26 4.22
C LEU A 16 14.11 2.14 5.25
N ASP A 17 14.56 2.47 6.46
CA ASP A 17 14.64 1.49 7.53
C ASP A 17 13.27 0.97 7.92
N ALA A 18 12.29 1.87 8.02
CA ALA A 18 10.87 1.53 8.28
C ALA A 18 10.38 0.48 7.30
N HIS A 19 10.67 0.71 6.02
CA HIS A 19 10.30 -0.24 4.99
C HIS A 19 11.02 -1.55 5.20
N HIS A 20 12.31 -1.50 5.52
CA HIS A 20 13.09 -2.76 5.72
C HIS A 20 12.57 -3.59 6.85
N LYS A 21 12.13 -2.92 7.92
N LYS A 21 12.13 -2.92 7.92
CA LYS A 21 11.56 -3.58 9.09
CA LYS A 21 11.59 -3.61 9.09
C LYS A 21 10.17 -4.19 8.84
C LYS A 21 10.15 -4.11 8.89
N THR A 22 9.50 -3.74 7.78
CA THR A 22 8.10 -4.15 7.50
C THR A 22 7.85 -4.88 6.19
N TYR A 23 8.87 -5.02 5.35
CA TYR A 23 8.77 -5.80 4.12
C TYR A 23 9.86 -6.89 4.16
N ASP A 24 9.45 -8.15 4.25
CA ASP A 24 10.36 -9.31 4.25
C ASP A 24 10.53 -9.88 2.84
N PRO A 25 11.66 -9.54 2.17
CA PRO A 25 11.83 -10.00 0.79
C PRO A 25 12.09 -11.51 0.71
N THR A 26 12.14 -12.19 1.84
CA THR A 26 12.23 -13.67 1.85
C THR A 26 10.85 -14.35 1.83
N TYR A 27 9.80 -13.57 2.13
CA TYR A 27 8.42 -14.10 2.18
C TYR A 27 8.26 -15.33 3.09
N ALA A 28 9.05 -15.41 4.16
CA ALA A 28 9.05 -16.58 5.04
C ALA A 28 7.73 -16.80 5.80
N ASP A 29 6.95 -15.73 6.04
CA ASP A 29 5.71 -15.84 6.85
C ASP A 29 4.52 -16.41 6.09
N PHE A 30 4.65 -16.50 4.77
CA PHE A 30 3.57 -16.97 3.91
C PHE A 30 3.10 -18.40 4.23
N ARG A 31 3.96 -19.20 4.84
CA ARG A 31 3.56 -20.53 5.33
C ARG A 31 2.50 -20.49 6.44
N ASP A 32 2.42 -19.38 7.18
CA ASP A 32 1.43 -19.25 8.25
C ASP A 32 -0.02 -19.04 7.76
N PHE A 33 -0.17 -18.63 6.50
CA PHE A 33 -1.50 -18.35 5.94
C PHE A 33 -2.25 -19.63 5.61
N ARG A 34 -3.58 -19.55 5.58
CA ARG A 34 -4.37 -20.64 5.01
C ARG A 34 -3.88 -20.90 3.58
N PRO A 35 -3.82 -22.19 3.17
CA PRO A 35 -3.14 -22.57 1.92
C PRO A 35 -3.77 -22.04 0.64
N PRO A 36 -2.94 -21.70 -0.36
CA PRO A 36 -3.54 -21.31 -1.64
C PRO A 36 -4.24 -22.52 -2.25
N VAL A 37 -5.36 -22.29 -2.93
CA VAL A 37 -6.02 -23.35 -3.70
C VAL A 37 -6.28 -22.90 -5.13
N ARG A 38 -5.60 -23.54 -6.08
CA ARG A 38 -5.92 -23.36 -7.51
C ARG A 38 -5.96 -24.72 -8.23
N MET A 39 -6.75 -24.81 -9.30
CA MET A 39 -7.00 -26.09 -9.98
C MET A 39 -6.59 -26.07 -11.43
N SER A 51 -12.84 -23.49 -7.87
CA SER A 51 -13.62 -22.58 -8.69
C SER A 51 -14.17 -21.39 -7.88
N PRO A 52 -15.16 -21.62 -6.98
CA PRO A 52 -15.79 -20.47 -6.36
C PRO A 52 -15.00 -19.92 -5.16
N LEU A 53 -14.16 -18.91 -5.44
CA LEU A 53 -13.38 -18.15 -4.43
C LEU A 53 -12.33 -18.97 -3.68
N SER A 54 -11.70 -19.90 -4.40
CA SER A 54 -10.75 -20.81 -3.80
C SER A 54 -9.46 -20.12 -3.32
N MET A 55 -9.19 -18.91 -3.82
CA MET A 55 -8.00 -18.16 -3.39
C MET A 55 -8.28 -17.18 -2.27
N LEU A 56 -9.54 -17.07 -1.87
CA LEU A 56 -9.98 -16.11 -0.87
C LEU A 56 -9.36 -16.28 0.52
N PRO A 57 -9.41 -17.50 1.11
CA PRO A 57 -8.78 -17.62 2.43
C PRO A 57 -7.30 -17.26 2.41
N HIS A 58 -6.57 -17.68 1.37
CA HIS A 58 -5.15 -17.40 1.32
C HIS A 58 -4.89 -15.93 1.14
N LEU A 59 -5.60 -15.31 0.19
CA LEU A 59 -5.33 -13.90 -0.11
C LEU A 59 -5.91 -12.97 0.98
N ALA A 60 -6.96 -13.44 1.66
CA ALA A 60 -7.46 -12.73 2.84
C ALA A 60 -6.38 -12.67 3.90
N ASP A 61 -5.71 -13.79 4.17
CA ASP A 61 -4.64 -13.84 5.15
C ASP A 61 -3.43 -12.98 4.74
N LEU A 62 -3.02 -13.11 3.49
CA LEU A 62 -1.95 -12.28 2.96
C LEU A 62 -2.29 -10.79 3.09
N VAL A 63 -3.48 -10.41 2.65
CA VAL A 63 -3.90 -9.01 2.78
C VAL A 63 -3.95 -8.57 4.25
N SER A 64 -4.46 -9.41 5.14
CA SER A 64 -4.53 -9.08 6.58
C SER A 64 -3.09 -8.85 7.12
N TYR A 65 -2.18 -9.76 6.76
CA TYR A 65 -0.78 -9.63 7.12
C TYR A 65 -0.20 -8.32 6.63
N SER A 66 -0.63 -7.93 5.44
CA SER A 66 -0.12 -6.76 4.73
C SER A 66 -0.60 -5.49 5.40
N ILE A 67 -1.88 -5.49 5.79
CA ILE A 67 -2.41 -4.38 6.58
C ILE A 67 -1.53 -4.15 7.82
N GLN A 68 -1.24 -5.21 8.58
CA GLN A 68 -0.30 -5.10 9.73
C GLN A 68 1.04 -4.43 9.40
N LYS A 69 1.66 -4.80 8.27
CA LYS A 69 2.94 -4.26 7.87
C LYS A 69 2.80 -2.78 7.47
N VAL A 70 1.69 -2.45 6.81
CA VAL A 70 1.43 -1.07 6.42
C VAL A 70 1.27 -0.18 7.68
N ILE A 71 0.55 -0.64 8.69
CA ILE A 71 0.40 0.10 9.95
C ILE A 71 1.77 0.26 10.59
N GLY A 72 2.57 -0.83 10.61
CA GLY A 72 3.94 -0.74 11.10
C GLY A 72 4.75 0.33 10.38
N PHE A 73 4.58 0.41 9.07
CA PHE A 73 5.33 1.40 8.29
C PHE A 73 4.82 2.80 8.64
N ALA A 74 3.50 2.98 8.62
CA ALA A 74 2.92 4.31 8.83
C ALA A 74 3.34 4.91 10.19
N LYS A 75 3.38 4.07 11.23
CA LYS A 75 3.79 4.52 12.58
C LYS A 75 5.16 5.18 12.59
N MET A 76 6.03 4.73 11.69
CA MET A 76 7.40 5.24 11.60
C MET A 76 7.56 6.48 10.68
N ILE A 77 6.50 6.90 9.99
CA ILE A 77 6.58 8.11 9.15
C ILE A 77 6.78 9.38 10.01
N PRO A 78 7.89 10.14 9.79
CA PRO A 78 8.11 11.42 10.51
C PRO A 78 6.88 12.32 10.52
N GLY A 79 6.41 12.65 11.71
CA GLY A 79 5.19 13.44 11.87
C GLY A 79 3.88 12.67 12.03
N PHE A 80 3.84 11.41 11.61
CA PHE A 80 2.58 10.65 11.68
C PHE A 80 2.06 10.54 13.10
N ARG A 81 2.99 10.33 14.02
CA ARG A 81 2.71 10.21 15.46
C ARG A 81 2.10 11.49 16.06
N ASP A 82 2.28 12.62 15.39
CA ASP A 82 1.74 13.90 15.86
C ASP A 82 0.25 14.04 15.59
N LEU A 83 -0.29 13.15 14.77
CA LEU A 83 -1.72 13.21 14.45
C LEU A 83 -2.53 12.65 15.60
N THR A 84 -3.82 12.97 15.62
CA THR A 84 -4.70 12.37 16.61
C THR A 84 -4.90 10.90 16.26
N SER A 85 -5.28 10.13 17.25
CA SER A 85 -5.58 8.74 17.05
C SER A 85 -6.70 8.57 15.98
N ASP A 86 -7.71 9.45 16.02
CA ASP A 86 -8.79 9.49 15.02
C ASP A 86 -8.24 9.65 13.59
N ASP A 87 -7.33 10.59 13.42
CA ASP A 87 -6.78 10.90 12.11
C ASP A 87 -5.85 9.78 11.61
N GLN A 88 -5.03 9.26 12.51
CA GLN A 88 -4.22 8.07 12.23
C GLN A 88 -5.08 6.95 11.68
N ILE A 89 -6.25 6.73 12.31
CA ILE A 89 -7.19 5.69 11.89
C ILE A 89 -7.79 5.95 10.52
N VAL A 90 -8.27 7.19 10.30
CA VAL A 90 -8.84 7.62 9.03
C VAL A 90 -7.83 7.40 7.89
N LEU A 91 -6.57 7.78 8.12
CA LEU A 91 -5.56 7.76 7.04
C LEU A 91 -5.20 6.32 6.69
N LEU A 92 -5.09 5.48 7.70
CA LEU A 92 -4.81 4.05 7.46
C LEU A 92 -5.95 3.28 6.83
N LYS A 93 -7.20 3.50 7.28
CA LYS A 93 -8.34 2.79 6.69
C LYS A 93 -8.47 3.14 5.20
N SER A 94 -8.22 4.39 4.84
CA SER A 94 -8.47 4.84 3.47
C SER A 94 -7.29 4.51 2.54
N SER A 95 -6.09 4.46 3.08
CA SER A 95 -4.89 4.21 2.28
C SER A 95 -4.45 2.75 2.23
N ALA A 96 -4.91 1.92 3.17
CA ALA A 96 -4.35 0.56 3.30
C ALA A 96 -4.26 -0.17 1.96
N ILE A 97 -5.38 -0.28 1.27
CA ILE A 97 -5.44 -1.00 -0.03
C ILE A 97 -4.44 -0.41 -1.05
N GLU A 98 -4.35 0.91 -1.07
CA GLU A 98 -3.47 1.61 -1.99
C GLU A 98 -2.00 1.31 -1.69
N VAL A 99 -1.63 1.36 -0.40
CA VAL A 99 -0.24 1.08 -0.04
C VAL A 99 0.05 -0.39 -0.27
N ILE A 100 -0.94 -1.24 -0.04
CA ILE A 100 -0.74 -2.64 -0.38
C ILE A 100 -0.46 -2.80 -1.90
N MET A 101 -1.24 -2.14 -2.75
CA MET A 101 -1.01 -2.20 -4.20
C MET A 101 0.38 -1.65 -4.56
N LEU A 102 0.76 -0.51 -3.99
CA LEU A 102 2.11 0.07 -4.18
C LEU A 102 3.23 -0.83 -3.71
N ARG A 103 3.18 -1.27 -2.44
CA ARG A 103 4.29 -2.11 -1.90
C ARG A 103 4.43 -3.44 -2.63
N SER A 104 3.33 -3.92 -3.22
CA SER A 104 3.34 -5.20 -3.92
C SER A 104 4.13 -5.11 -5.24
N ASN A 105 4.28 -3.90 -5.76
CA ASN A 105 5.05 -3.69 -6.99
C ASN A 105 6.43 -4.29 -6.89
N GLN A 106 6.93 -4.45 -5.65
CA GLN A 106 8.26 -4.98 -5.42
C GLN A 106 8.39 -6.44 -5.82
N SER A 107 7.30 -7.18 -5.77
CA SER A 107 7.30 -8.60 -6.16
C SER A 107 6.74 -8.79 -7.56
N PHE A 108 6.20 -7.72 -8.16
CA PHE A 108 5.52 -7.80 -9.44
C PHE A 108 6.52 -8.01 -10.59
N THR A 109 6.12 -8.78 -11.58
CA THR A 109 7.02 -9.05 -12.71
C THR A 109 6.33 -8.88 -14.06
N MET A 110 6.97 -8.13 -14.94
CA MET A 110 6.39 -7.85 -16.25
C MET A 110 6.54 -9.04 -17.20
N ASP A 111 7.42 -9.99 -16.84
CA ASP A 111 7.61 -11.21 -17.60
C ASP A 111 6.29 -11.92 -17.86
N ASP A 112 5.56 -12.24 -16.79
CA ASP A 112 4.26 -12.93 -16.94
C ASP A 112 3.11 -12.20 -16.24
N MET A 113 3.38 -10.95 -15.82
CA MET A 113 2.39 -10.08 -15.20
C MET A 113 1.83 -10.67 -13.90
N SER A 114 2.72 -11.10 -13.02
CA SER A 114 2.32 -11.74 -11.77
C SER A 114 3.10 -11.18 -10.58
N TRP A 115 2.59 -11.43 -9.38
CA TRP A 115 3.31 -11.10 -8.16
C TRP A 115 4.02 -12.31 -7.69
N ASP A 116 5.34 -12.24 -7.70
CA ASP A 116 6.13 -13.44 -7.45
C ASP A 116 6.74 -13.40 -6.06
N CYS A 117 6.09 -14.08 -5.12
CA CYS A 117 6.56 -14.09 -3.73
C CYS A 117 7.39 -15.33 -3.35
N GLY A 118 8.47 -15.55 -4.09
CA GLY A 118 9.45 -16.57 -3.73
C GLY A 118 9.26 -17.86 -4.49
N SER A 119 8.16 -18.55 -4.19
CA SER A 119 7.89 -19.85 -4.80
C SER A 119 6.65 -19.84 -5.72
N GLN A 120 6.47 -20.93 -6.45
CA GLN A 120 5.31 -21.11 -7.33
C GLN A 120 3.99 -20.96 -6.56
N ASP A 121 3.95 -21.50 -5.35
CA ASP A 121 2.76 -21.44 -4.49
C ASP A 121 2.38 -20.01 -4.17
N TYR A 122 3.39 -19.17 -3.99
CA TYR A 122 3.22 -17.76 -3.63
C TYR A 122 3.50 -16.86 -4.82
N LYS A 123 3.19 -17.38 -6.01
CA LYS A 123 3.25 -16.60 -7.22
C LYS A 123 1.82 -16.40 -7.67
N TYR A 124 1.38 -15.14 -7.73
CA TYR A 124 -0.03 -14.85 -7.98
C TYR A 124 -0.24 -14.11 -9.30
N ASP A 125 -1.15 -14.63 -10.13
CA ASP A 125 -1.48 -14.02 -11.43
C ASP A 125 -2.90 -13.46 -11.45
N VAL A 126 -3.40 -13.03 -12.62
CA VAL A 126 -4.76 -12.42 -12.68
C VAL A 126 -5.89 -13.40 -12.30
N THR A 127 -5.67 -14.69 -12.52
CA THR A 127 -6.72 -15.66 -12.26
C THR A 127 -6.79 -15.93 -10.75
N ASP A 128 -5.62 -16.01 -10.11
CA ASP A 128 -5.55 -16.07 -8.64
C ASP A 128 -6.34 -14.94 -8.00
N VAL A 129 -6.09 -13.71 -8.44
CA VAL A 129 -6.79 -12.54 -7.91
C VAL A 129 -8.29 -12.60 -8.23
N SER A 130 -8.66 -13.05 -9.43
CA SER A 130 -10.09 -13.28 -9.71
C SER A 130 -10.70 -14.40 -8.85
N LYS A 131 -9.87 -15.35 -8.38
CA LYS A 131 -10.35 -16.43 -7.51
C LYS A 131 -10.36 -15.99 -6.03
N ALA A 132 -10.13 -14.69 -5.80
CA ALA A 132 -10.37 -14.10 -4.51
C ALA A 132 -11.66 -13.29 -4.59
N GLY A 133 -12.26 -13.26 -5.78
CA GLY A 133 -13.56 -12.58 -5.96
C GLY A 133 -13.52 -11.26 -6.71
N HIS A 134 -12.55 -11.12 -7.61
CA HIS A 134 -12.41 -9.89 -8.36
C HIS A 134 -12.59 -10.08 -9.83
N THR A 135 -12.95 -9.00 -10.51
CA THR A 135 -13.18 -8.98 -11.96
C THR A 135 -12.24 -7.97 -12.62
N LEU A 136 -12.15 -8.01 -13.95
CA LEU A 136 -11.28 -7.11 -14.71
C LEU A 136 -11.62 -5.65 -14.53
N GLU A 137 -12.82 -5.34 -14.03
CA GLU A 137 -13.14 -3.96 -13.68
C GLU A 137 -12.07 -3.40 -12.73
N LEU A 138 -11.50 -4.29 -11.92
CA LEU A 138 -10.43 -3.92 -10.98
C LEU A 138 -9.07 -4.36 -11.49
N ILE A 139 -9.00 -5.62 -11.93
CA ILE A 139 -7.73 -6.26 -12.24
C ILE A 139 -7.03 -5.67 -13.47
N GLU A 140 -7.81 -5.21 -14.45
CA GLU A 140 -7.22 -4.61 -15.64
C GLU A 140 -6.56 -3.28 -15.27
N PRO A 141 -7.31 -2.35 -14.63
CA PRO A 141 -6.59 -1.15 -14.20
C PRO A 141 -5.44 -1.47 -13.21
N LEU A 142 -5.60 -2.51 -12.40
CA LEU A 142 -4.54 -2.89 -11.44
C LEU A 142 -3.26 -3.29 -12.14
N ILE A 143 -3.39 -4.17 -13.15
CA ILE A 143 -2.21 -4.62 -13.91
C ILE A 143 -1.56 -3.44 -14.66
N LYS A 144 -2.39 -2.59 -15.27
CA LYS A 144 -1.91 -1.39 -15.96
C LYS A 144 -1.11 -0.49 -15.00
N PHE A 145 -1.63 -0.33 -13.79
CA PHE A 145 -0.91 0.40 -12.74
C PHE A 145 0.45 -0.21 -12.40
N GLN A 146 0.48 -1.52 -12.13
CA GLN A 146 1.72 -2.24 -11.80
C GLN A 146 2.77 -2.11 -12.89
N VAL A 147 2.33 -2.23 -14.14
CA VAL A 147 3.19 -2.02 -15.29
C VAL A 147 3.79 -0.61 -15.33
N GLY A 148 2.95 0.41 -15.21
CA GLY A 148 3.40 1.80 -15.30
C GLY A 148 4.33 2.17 -14.16
N LEU A 149 4.09 1.57 -12.98
CA LEU A 149 4.94 1.79 -11.83
C LEU A 149 6.30 1.14 -12.04
N LYS A 150 6.31 -0.10 -12.51
CA LYS A 150 7.57 -0.81 -12.68
C LYS A 150 8.46 -0.06 -13.68
N LYS A 151 7.85 0.42 -14.76
CA LYS A 151 8.55 1.17 -15.82
C LYS A 151 9.21 2.45 -15.30
N LEU A 152 8.68 3.01 -14.22
CA LEU A 152 9.30 4.18 -13.59
C LEU A 152 10.66 3.84 -12.97
N ASN A 153 10.89 2.55 -12.70
CA ASN A 153 12.14 2.08 -12.12
C ASN A 153 12.55 2.99 -10.95
N LEU A 154 11.65 3.14 -9.96
CA LEU A 154 11.89 4.03 -8.82
C LEU A 154 13.11 3.57 -8.03
N HIS A 155 13.90 4.51 -7.54
CA HIS A 155 14.87 4.23 -6.48
C HIS A 155 14.07 3.81 -5.26
N GLU A 156 14.64 2.95 -4.43
CA GLU A 156 13.96 2.55 -3.19
C GLU A 156 13.59 3.79 -2.35
N GLU A 157 14.46 4.79 -2.36
CA GLU A 157 14.22 6.07 -1.71
C GLU A 157 12.89 6.68 -2.18
N GLU A 158 12.69 6.66 -3.49
CA GLU A 158 11.45 7.18 -4.10
C GLU A 158 10.22 6.34 -3.76
N HIS A 159 10.39 5.03 -3.78
CA HIS A 159 9.31 4.09 -3.45
C HIS A 159 8.79 4.28 -2.03
N VAL A 160 9.72 4.37 -1.07
CA VAL A 160 9.33 4.56 0.33
C VAL A 160 8.69 5.92 0.55
N LEU A 161 9.24 6.97 -0.08
CA LEU A 161 8.58 8.29 -0.07
C LEU A 161 7.16 8.28 -0.62
N LEU A 162 6.96 7.59 -1.74
CA LEU A 162 5.63 7.54 -2.36
C LEU A 162 4.62 6.87 -1.45
N MET A 163 5.05 5.78 -0.80
CA MET A 163 4.17 5.08 0.13
C MET A 163 3.78 6.00 1.28
N ALA A 164 4.76 6.71 1.84
CA ALA A 164 4.50 7.64 2.96
C ALA A 164 3.61 8.82 2.55
N ILE A 165 3.86 9.37 1.36
CA ILE A 165 2.97 10.43 0.81
C ILE A 165 1.53 9.94 0.59
N CYS A 166 1.39 8.70 0.12
CA CYS A 166 0.08 8.10 -0.07
C CYS A 166 -0.67 8.05 1.27
N ILE A 167 0.00 7.56 2.30
CA ILE A 167 -0.60 7.46 3.64
C ILE A 167 -1.05 8.84 4.20
N VAL A 168 -0.17 9.83 4.15
CA VAL A 168 -0.46 11.12 4.80
C VAL A 168 -1.13 12.07 3.82
N SER A 169 -2.37 11.78 3.41
CA SER A 169 -3.09 12.59 2.42
C SER A 169 -4.21 13.39 3.06
N PRO A 170 -4.18 14.74 2.94
CA PRO A 170 -5.17 15.58 3.67
C PRO A 170 -6.63 15.49 3.22
N ASP A 171 -6.87 14.99 2.02
CA ASP A 171 -8.23 14.95 1.49
C ASP A 171 -8.96 13.63 1.71
N ARG A 172 -8.40 12.77 2.56
CA ARG A 172 -9.10 11.53 2.85
C ARG A 172 -10.39 11.88 3.56
N PRO A 173 -11.50 11.22 3.19
CA PRO A 173 -12.78 11.50 3.87
C PRO A 173 -12.70 11.21 5.37
N GLY A 174 -13.13 12.18 6.19
CA GLY A 174 -13.14 12.00 7.63
C GLY A 174 -11.94 12.58 8.35
N VAL A 175 -10.98 13.13 7.61
CA VAL A 175 -9.84 13.79 8.26
C VAL A 175 -10.38 14.98 9.07
N GLN A 176 -9.87 15.12 10.30
CA GLN A 176 -10.22 16.24 11.14
C GLN A 176 -9.17 17.34 10.95
N ASP A 177 -7.94 17.10 11.39
CA ASP A 177 -6.90 18.12 11.27
C ASP A 177 -6.16 18.10 9.92
N ALA A 178 -6.92 18.41 8.87
CA ALA A 178 -6.44 18.50 7.49
C ALA A 178 -5.17 19.33 7.29
N LYS A 179 -5.12 20.50 7.92
CA LYS A 179 -3.94 21.38 7.87
C LYS A 179 -2.69 20.69 8.40
N LEU A 180 -2.81 20.00 9.54
CA LEU A 180 -1.68 19.22 10.06
C LEU A 180 -1.29 18.08 9.10
N VAL A 181 -2.27 17.37 8.57
CA VAL A 181 -1.99 16.27 7.64
C VAL A 181 -1.28 16.82 6.41
N GLU A 182 -1.72 17.97 5.90
CA GLU A 182 -1.06 18.61 4.76
C GLU A 182 0.38 19.04 5.08
N ALA A 183 0.61 19.59 6.27
CA ALA A 183 1.96 20.04 6.66
C ALA A 183 2.97 18.88 6.72
N ILE A 184 2.53 17.76 7.29
CA ILE A 184 3.33 16.54 7.30
C ILE A 184 3.62 16.05 5.87
N GLN A 185 2.58 15.96 5.04
CA GLN A 185 2.77 15.47 3.67
C GLN A 185 3.68 16.39 2.85
N ASP A 186 3.46 17.70 2.98
CA ASP A 186 4.30 18.70 2.30
C ASP A 186 5.78 18.48 2.54
N ARG A 187 6.15 18.23 3.79
CA ARG A 187 7.55 17.96 4.12
C ARG A 187 8.09 16.73 3.39
N LEU A 188 7.25 15.70 3.24
CA LEU A 188 7.62 14.52 2.45
C LEU A 188 7.61 14.81 0.94
N SER A 189 6.61 15.54 0.47
CA SER A 189 6.56 15.94 -0.95
C SER A 189 7.82 16.72 -1.33
N ASN A 190 8.12 17.79 -0.57
CA ASN A 190 9.38 18.56 -0.74
C ASN A 190 10.64 17.68 -0.69
N THR A 191 10.67 16.71 0.23
CA THR A 191 11.78 15.77 0.31
C THR A 191 11.93 14.92 -0.97
N LEU A 192 10.81 14.42 -1.49
CA LEU A 192 10.80 13.64 -2.72
C LEU A 192 11.28 14.46 -3.92
N GLN A 193 10.74 15.67 -4.06
CA GLN A 193 11.06 16.54 -5.21
C GLN A 193 12.54 16.86 -5.26
N THR A 194 13.09 17.20 -4.10
CA THR A 194 14.52 17.50 -3.97
C THR A 194 15.34 16.25 -4.24
N TYR A 195 14.84 15.08 -3.80
CA TYR A 195 15.59 13.85 -4.04
C TYR A 195 15.74 13.57 -5.53
N ILE A 196 14.65 13.76 -6.27
CA ILE A 196 14.62 13.52 -7.72
C ILE A 196 15.65 14.46 -8.40
N ARG A 197 15.54 15.75 -8.14
CA ARG A 197 16.52 16.74 -8.64
C ARG A 197 18.00 16.40 -8.36
N CYS A 198 18.31 15.90 -7.17
CA CYS A 198 19.70 15.73 -6.76
C CYS A 198 20.28 14.36 -7.00
N ARG A 199 19.44 13.33 -6.99
CA ARG A 199 19.95 11.98 -6.99
C ARG A 199 19.44 11.18 -8.16
N HIS A 200 18.38 11.67 -8.81
CA HIS A 200 17.85 10.95 -9.95
C HIS A 200 18.32 11.55 -11.25
N PRO A 201 19.18 10.84 -11.98
CA PRO A 201 19.72 11.36 -13.22
C PRO A 201 18.73 11.29 -14.39
N PRO A 202 18.85 12.22 -15.36
CA PRO A 202 18.12 12.13 -16.62
C PRO A 202 18.62 10.93 -17.45
N PRO A 203 17.77 10.35 -18.33
CA PRO A 203 16.39 10.73 -18.67
C PRO A 203 15.33 10.24 -17.67
N GLY A 204 15.63 9.20 -16.89
CA GLY A 204 14.70 8.68 -15.87
C GLY A 204 14.03 9.73 -14.98
N SER A 205 14.66 10.88 -14.80
CA SER A 205 14.13 11.90 -13.91
C SER A 205 13.05 12.76 -14.56
N HIS A 206 12.97 12.72 -15.90
CA HIS A 206 12.03 13.59 -16.63
C HIS A 206 10.62 13.38 -16.15
N GLN A 207 10.03 14.44 -15.59
CA GLN A 207 8.63 14.44 -15.15
C GLN A 207 8.36 13.40 -14.06
N LEU A 208 9.41 12.93 -13.39
CA LEU A 208 9.27 11.81 -12.46
C LEU A 208 8.29 12.14 -11.32
N TYR A 209 8.36 13.36 -10.80
CA TYR A 209 7.47 13.75 -9.72
C TYR A 209 6.01 13.67 -10.19
N ALA A 210 5.69 14.35 -11.30
CA ALA A 210 4.34 14.34 -11.86
C ALA A 210 3.85 12.93 -12.15
N LYS A 211 4.72 12.09 -12.68
CA LYS A 211 4.35 10.70 -12.97
C LYS A 211 4.04 9.90 -11.69
N MET A 212 4.72 10.26 -10.61
CA MET A 212 4.54 9.58 -9.32
C MET A 212 3.22 9.98 -8.71
N ILE A 213 2.94 11.28 -8.76
CA ILE A 213 1.66 11.81 -8.30
C ILE A 213 0.51 11.25 -9.13
N GLN A 214 0.74 11.08 -10.44
CA GLN A 214 -0.25 10.45 -11.30
C GLN A 214 -0.60 9.02 -10.80
N LYS A 215 0.42 8.29 -10.35
CA LYS A 215 0.18 6.95 -9.77
C LYS A 215 -0.72 7.00 -8.51
N LEU A 216 -0.63 8.09 -7.75
CA LEU A 216 -1.53 8.30 -6.60
C LEU A 216 -2.99 8.57 -6.99
N ALA A 217 -3.20 9.37 -8.04
CA ALA A 217 -4.52 9.44 -8.69
C ALA A 217 -4.99 8.08 -9.18
N ASP A 218 -4.11 7.30 -9.82
CA ASP A 218 -4.55 5.99 -10.31
C ASP A 218 -5.00 5.12 -9.12
N LEU A 219 -4.27 5.26 -8.02
CA LEU A 219 -4.60 4.53 -6.79
C LEU A 219 -5.97 4.91 -6.23
N ARG A 220 -6.39 6.17 -6.34
CA ARG A 220 -7.74 6.54 -5.85
C ARG A 220 -8.85 5.81 -6.60
N SER A 221 -8.69 5.71 -7.92
CA SER A 221 -9.60 4.96 -8.77
C SER A 221 -9.55 3.46 -8.44
N LEU A 222 -8.37 2.90 -8.26
CA LEU A 222 -8.25 1.49 -7.85
C LEU A 222 -8.91 1.20 -6.49
N ASN A 223 -8.65 2.06 -5.52
CA ASN A 223 -9.29 1.99 -4.19
C ASN A 223 -10.84 2.05 -4.29
N GLU A 224 -11.37 2.98 -5.09
CA GLU A 224 -12.82 3.05 -5.31
C GLU A 224 -13.43 1.77 -5.86
N GLU A 225 -12.73 1.15 -6.83
CA GLU A 225 -13.19 -0.07 -7.48
C GLU A 225 -12.97 -1.30 -6.60
N HIS A 226 -11.87 -1.31 -5.86
CA HIS A 226 -11.65 -2.37 -4.89
C HIS A 226 -12.75 -2.38 -3.89
N SER A 227 -13.10 -1.20 -3.37
CA SER A 227 -14.14 -1.04 -2.32
C SER A 227 -15.51 -1.56 -2.80
N LYS A 228 -15.85 -1.22 -4.04
CA LYS A 228 -17.08 -1.68 -4.67
C LYS A 228 -17.12 -3.21 -4.76
N GLN A 229 -16.06 -3.81 -5.31
CA GLN A 229 -16.00 -5.25 -5.41
C GLN A 229 -15.91 -5.94 -4.04
N TYR A 230 -15.25 -5.27 -3.09
CA TYR A 230 -15.20 -5.76 -1.73
C TYR A 230 -16.58 -5.74 -1.05
N ARG A 231 -17.36 -4.67 -1.26
CA ARG A 231 -18.68 -4.56 -0.63
C ARG A 231 -19.63 -5.59 -1.23
N SER A 232 -19.38 -5.93 -2.49
CA SER A 232 -20.09 -6.99 -3.21
C SER A 232 -19.71 -8.40 -2.71
N LEU A 233 -18.40 -8.66 -2.60
CA LEU A 233 -17.89 -9.88 -1.98
C LEU A 233 -18.41 -10.05 -0.56
N SER A 234 -18.14 -9.04 0.26
CA SER A 234 -18.39 -9.12 1.70
C SER A 234 -19.88 -9.03 2.00
N PHE A 235 -20.69 -9.14 0.96
CA PHE A 235 -22.14 -9.00 1.09
C PHE A 235 -22.77 -10.28 1.62
N GLN A 236 -22.41 -11.41 1.02
CA GLN A 236 -22.81 -12.72 1.51
C GLN A 236 -22.02 -13.11 2.76
N PRO A 237 -22.70 -13.30 3.91
CA PRO A 237 -21.99 -13.64 5.14
C PRO A 237 -21.08 -14.86 5.04
N GLU A 238 -21.41 -15.82 4.18
CA GLU A 238 -20.52 -16.97 3.94
C GLU A 238 -19.13 -16.56 3.44
N ASN A 239 -19.08 -15.45 2.69
CA ASN A 239 -17.80 -14.93 2.21
C ASN A 239 -17.08 -14.12 3.26
N SER A 240 -17.81 -13.25 3.93
CA SER A 240 -17.30 -12.51 5.09
C SER A 240 -16.65 -13.42 6.14
N MET A 241 -17.24 -14.60 6.34
CA MET A 241 -16.74 -15.57 7.32
C MET A 241 -15.31 -15.98 7.04
N LYS A 242 -14.90 -15.88 5.77
CA LYS A 242 -13.61 -16.39 5.30
C LYS A 242 -12.49 -15.37 5.40
N LEU A 243 -12.85 -14.14 5.75
CA LEU A 243 -11.91 -13.06 5.95
C LEU A 243 -11.31 -13.11 7.35
N THR A 244 -10.50 -12.11 7.70
CA THR A 244 -9.91 -12.05 9.04
C THR A 244 -10.60 -10.93 9.84
N PRO A 245 -10.42 -10.92 11.18
CA PRO A 245 -10.97 -9.80 11.97
C PRO A 245 -10.34 -8.45 11.58
N LEU A 246 -9.04 -8.42 11.27
CA LEU A 246 -8.41 -7.13 10.89
C LEU A 246 -8.95 -6.62 9.57
N VAL A 247 -9.08 -7.51 8.59
CA VAL A 247 -9.66 -7.15 7.28
C VAL A 247 -11.05 -6.55 7.43
N LEU A 248 -11.91 -7.23 8.19
CA LEU A 248 -13.26 -6.75 8.42
C LEU A 248 -13.25 -5.40 9.10
N GLU A 249 -12.36 -5.22 10.06
CA GLU A 249 -12.33 -3.97 10.79
C GLU A 249 -11.82 -2.85 9.89
N VAL A 250 -10.76 -3.13 9.12
CA VAL A 250 -10.14 -2.07 8.32
C VAL A 250 -10.93 -1.76 7.03
N PHE A 251 -11.35 -2.79 6.31
CA PHE A 251 -12.07 -2.61 5.04
C PHE A 251 -13.58 -2.46 5.19
N GLY A 252 -14.14 -2.84 6.32
CA GLY A 252 -15.58 -2.68 6.53
C GLY A 252 -16.30 -3.97 6.77
N ASN A 253 -17.47 -3.87 7.39
CA ASN A 253 -18.22 -5.02 7.91
C ASN A 253 -19.71 -4.95 7.59
N LYS B 1 -15.02 6.11 15.16
CA LYS B 1 -15.64 4.76 15.01
C LYS B 1 -14.81 3.73 15.77
N ASN B 2 -15.39 2.55 16.03
CA ASN B 2 -14.72 1.53 16.84
C ASN B 2 -13.75 0.61 16.10
N HIS B 3 -12.46 0.91 16.25
CA HIS B 3 -11.40 0.14 15.61
C HIS B 3 -10.41 -0.33 16.64
N PRO B 4 -10.83 -1.28 17.50
CA PRO B 4 -9.96 -1.72 18.57
C PRO B 4 -8.62 -2.30 18.07
N MET B 5 -8.66 -3.14 17.03
CA MET B 5 -7.46 -3.80 16.53
C MET B 5 -6.47 -2.85 15.86
N LEU B 6 -7.00 -2.00 14.98
CA LEU B 6 -6.19 -0.93 14.40
C LEU B 6 -5.62 0.01 15.47
N MET B 7 -6.49 0.47 16.38
CA MET B 7 -6.09 1.29 17.52
C MET B 7 -4.93 0.66 18.32
N ASN B 8 -5.06 -0.60 18.67
CA ASN B 8 -3.98 -1.32 19.36
C ASN B 8 -2.70 -1.45 18.54
N LEU B 9 -2.84 -1.67 17.23
CA LEU B 9 -1.67 -1.76 16.37
C LEU B 9 -0.93 -0.44 16.18
N LEU B 10 -1.65 0.66 16.40
CA LEU B 10 -1.08 2.00 16.28
C LEU B 10 -0.44 2.53 17.56
N LYS B 11 -0.85 2.04 18.74
CA LYS B 11 -0.39 2.61 20.03
C LYS B 11 1.13 2.57 20.22
N ASP B 12 1.63 3.50 21.03
CA ASP B 12 3.03 3.51 21.45
C ASP B 12 3.17 2.90 22.84
C4 W07 C . 0.48 -8.95 -1.86
C3 W07 C . 2.77 -9.22 -0.86
C2 W07 C . 3.35 -8.15 -1.76
C5 W07 C . -0.63 -8.19 -1.51
C6 W07 C . -1.61 -7.88 -2.45
C10 W07 C . -2.61 -7.99 -4.72
C9 W07 C . 0.61 -9.47 -3.16
C8 W07 C . -0.40 -9.14 -4.11
C1 W07 C . 4.75 -8.63 -2.04
C11 W07 C . -2.42 -6.50 -5.06
C13 W07 C . -3.96 -8.18 -4.07
C16 W07 C . -6.49 -8.43 -2.87
C17 W07 C . -6.06 -7.19 -3.33
C18 W07 C . -4.81 -7.08 -3.93
C19 W07 C . -8.48 -9.66 -2.08
C20 W07 C . -9.82 -9.37 -1.42
C21 W07 C . -9.81 -9.58 0.09
O01 W07 C . 5.43 -7.60 -2.77
O02 W07 C . 3.46 -6.91 -1.05
O03 W07 C . 1.36 -9.18 -0.83
C7 W07 C . -1.51 -8.37 -3.77
C12 W07 C . -2.51 -8.82 -6.00
C14 W07 C . -4.40 -9.43 -3.61
C15 W07 C . -5.66 -9.55 -3.02
O04 W07 C . -7.74 -8.47 -2.27
O05 W07 C . -10.36 -8.07 -1.79
C22 W07 C . -9.20 -8.40 0.82
C23 W07 C . -8.99 -10.82 0.43
C24 W07 C . -11.26 -9.73 0.54
#